data_3TO2
#
_entry.id   3TO2
#
_cell.length_a   147.459
_cell.length_b   147.459
_cell.length_c   49.903
_cell.angle_alpha   90.00
_cell.angle_beta   90.00
_cell.angle_gamma   120.00
#
_symmetry.space_group_name_H-M   'P 63'
#
loop_
_entity.id
_entity.type
_entity.pdbx_description
1 polymer 'MHC class I antigen'
2 polymer Beta-2-microglobulin
3 polymer 'Md3-C9 peptide derived from Membrane glycoprotein'
4 water water
#
loop_
_entity_poly.entity_id
_entity_poly.type
_entity_poly.pdbx_seq_one_letter_code
_entity_poly.pdbx_strand_id
1 'polypeptide(L)'
;GSHSMRYFFTSVSRPGRGEPRFIAVGYVDDTQFVRFDSDAASQRMEPRAPWIEQEGPEYWDGETRKVKAHSQTHRVDLGT
LRGYYNQSEAGSHTVQRMYGCDVGSDWRFLRGYHQYAYDGKDYIALKEDLRSWTAADMAAQTTKHKWEAAHVAEQLRAYL
EGTCVEWLRRYLENGKETLQRTDAPKTHMTHHAVSDHEATLRCWALSFYPAEITLTWQRDGEDQTQDTELVETRPAGDGT
FQKWAAVVVPSGQEQRYTCHVQHEGLPKPLTLRWE
;
A
2 'polypeptide(L)'
;MIQRTPKIQVYSRHPAENGKSNFLNCYVSGFHPSDIEVDLLKNGERIEKVEHSDLSFSKDWSFYLLYYTEFTPTEKDEYA
CRVNHVTLSQPKIVKWDRDM
;
B
3 'polypeptide(L)' LACFVLAAV C
#
# COMPACT_ATOMS: atom_id res chain seq x y z
N GLY A 1 20.40 -5.08 -1.48
CA GLY A 1 20.26 -3.64 -1.43
C GLY A 1 19.75 -3.11 -0.10
N SER A 2 19.16 -1.91 -0.12
CA SER A 2 18.66 -1.27 1.08
C SER A 2 17.34 -1.90 1.52
N HIS A 3 17.01 -1.75 2.80
CA HIS A 3 15.80 -2.36 3.35
C HIS A 3 15.10 -1.46 4.36
N SER A 4 13.84 -1.80 4.66
CA SER A 4 13.04 -0.98 5.56
C SER A 4 12.04 -1.82 6.34
N MET A 5 11.67 -1.33 7.51
CA MET A 5 10.58 -1.89 8.29
C MET A 5 9.62 -0.75 8.60
N ARG A 6 8.33 -0.99 8.39
CA ARG A 6 7.32 0.03 8.60
C ARG A 6 6.11 -0.58 9.28
N TYR A 7 5.52 0.17 10.19
CA TYR A 7 4.25 -0.20 10.78
C TYR A 7 3.21 0.86 10.44
N PHE A 8 2.01 0.42 10.05
CA PHE A 8 0.94 1.33 9.71
C PHE A 8 -0.26 1.04 10.58
N PHE A 9 -0.88 2.11 11.07
CA PHE A 9 -2.01 1.97 11.96
C PHE A 9 -3.10 2.89 11.47
N THR A 10 -4.32 2.38 11.42
CA THR A 10 -5.45 3.19 11.02
C THR A 10 -6.52 3.06 12.08
N SER A 11 -7.02 4.20 12.55
CA SER A 11 -8.12 4.19 13.51
C SER A 11 -9.24 5.08 12.98
N VAL A 12 -10.45 4.53 12.95
CA VAL A 12 -11.58 5.22 12.35
C VAL A 12 -12.72 5.26 13.34
N SER A 13 -13.23 6.46 13.63
CA SER A 13 -14.33 6.59 14.60
C SER A 13 -15.66 6.21 13.97
N ARG A 14 -16.51 5.56 14.77
CA ARG A 14 -17.81 5.10 14.31
C ARG A 14 -18.91 5.65 15.22
N PRO A 15 -19.29 6.90 14.99
CA PRO A 15 -20.26 7.60 15.86
C PRO A 15 -21.62 6.94 15.81
N GLY A 16 -22.18 6.66 16.99
CA GLY A 16 -23.47 6.00 17.07
C GLY A 16 -23.39 4.52 16.77
N ARG A 17 -22.17 4.01 16.54
CA ARG A 17 -21.99 2.61 16.19
C ARG A 17 -20.89 1.91 16.99
N GLY A 18 -20.53 2.48 18.14
CA GLY A 18 -19.60 1.81 19.06
C GLY A 18 -18.15 2.22 18.93
N GLU A 19 -17.25 1.30 19.28
CA GLU A 19 -15.81 1.57 19.29
C GLU A 19 -15.25 1.79 17.89
N PRO A 20 -14.14 2.54 17.79
CA PRO A 20 -13.47 2.81 16.51
C PRO A 20 -12.82 1.54 15.93
N ARG A 21 -12.81 1.43 14.60
CA ARG A 21 -12.07 0.38 13.92
C ARG A 21 -10.57 0.62 14.15
N PHE A 22 -9.82 -0.46 14.35
CA PHE A 22 -8.38 -0.34 14.49
C PHE A 22 -7.66 -1.44 13.71
N ILE A 23 -6.86 -1.02 12.75
CA ILE A 23 -6.14 -1.96 11.91
C ILE A 23 -4.65 -1.63 11.96
N ALA A 24 -3.83 -2.66 12.12
CA ALA A 24 -2.39 -2.45 12.14
C ALA A 24 -1.73 -3.47 11.23
N VAL A 25 -0.74 -3.03 10.48
CA VAL A 25 0.02 -3.95 9.65
C VAL A 25 1.50 -3.61 9.75
N GLY A 26 2.33 -4.64 9.64
CA GLY A 26 3.76 -4.45 9.66
C GLY A 26 4.35 -5.01 8.40
N TYR A 27 5.26 -4.23 7.80
CA TYR A 27 5.91 -4.63 6.58
C TYR A 27 7.40 -4.66 6.78
N VAL A 28 8.04 -5.63 6.13
CA VAL A 28 9.46 -5.55 5.85
C VAL A 28 9.57 -5.35 4.34
N ASP A 29 10.18 -4.23 3.94
CA ASP A 29 10.15 -3.85 2.53
C ASP A 29 8.71 -3.90 2.02
N ASP A 30 8.47 -4.68 0.97
CA ASP A 30 7.13 -4.75 0.40
C ASP A 30 6.39 -6.03 0.80
N THR A 31 6.88 -6.68 1.85
CA THR A 31 6.23 -7.89 2.35
C THR A 31 5.59 -7.65 3.73
N GLN A 32 4.29 -7.87 3.82
CA GLN A 32 3.60 -7.78 5.09
C GLN A 32 3.84 -9.06 5.91
N PHE A 33 4.06 -8.90 7.22
CA PHE A 33 4.31 -10.07 8.06
C PHE A 33 3.43 -10.17 9.33
N VAL A 34 2.87 -9.05 9.79
CA VAL A 34 1.94 -9.09 10.91
C VAL A 34 0.68 -8.24 10.65
N ARG A 35 -0.37 -8.51 11.41
CA ARG A 35 -1.60 -7.72 11.31
C ARG A 35 -2.41 -7.77 12.59
N PHE A 36 -3.13 -6.68 12.86
CA PHE A 36 -4.13 -6.67 13.91
C PHE A 36 -5.37 -5.97 13.39
N ASP A 37 -6.52 -6.59 13.61
CA ASP A 37 -7.78 -6.01 13.18
C ASP A 37 -8.77 -6.10 14.33
N SER A 38 -9.30 -4.95 14.75
CA SER A 38 -10.27 -4.88 15.83
C SER A 38 -11.54 -5.65 15.50
N ASP A 39 -11.81 -5.83 14.20
CA ASP A 39 -13.03 -6.51 13.74
C ASP A 39 -12.93 -8.03 13.63
N ALA A 40 -11.75 -8.60 13.87
CA ALA A 40 -11.57 -10.04 13.69
C ALA A 40 -11.63 -10.82 15.02
N ALA A 41 -11.61 -12.15 14.91
CA ALA A 41 -11.87 -13.03 16.06
C ALA A 41 -10.83 -13.02 17.17
N SER A 42 -9.55 -13.09 16.81
CA SER A 42 -8.50 -13.32 17.80
C SER A 42 -8.31 -12.20 18.82
N GLN A 43 -8.37 -10.94 18.38
CA GLN A 43 -7.98 -9.81 19.21
C GLN A 43 -6.51 -9.95 19.62
N ARG A 44 -5.73 -10.54 18.73
CA ARG A 44 -4.30 -10.73 18.92
C ARG A 44 -3.54 -10.29 17.66
N MET A 45 -2.25 -10.00 17.82
CA MET A 45 -1.38 -9.80 16.66
C MET A 45 -1.19 -11.14 15.94
N GLU A 46 -1.47 -11.17 14.65
CA GLU A 46 -1.38 -12.41 13.87
C GLU A 46 -0.25 -12.35 12.86
N PRO A 47 0.40 -13.50 12.60
CA PRO A 47 1.46 -13.61 11.60
C PRO A 47 0.88 -13.61 10.18
N ARG A 48 1.57 -12.98 9.23
CA ARG A 48 1.14 -12.98 7.84
C ARG A 48 2.29 -13.37 6.90
N ALA A 49 3.37 -13.87 7.49
CA ALA A 49 4.51 -14.37 6.74
C ALA A 49 5.08 -15.61 7.45
N PRO A 50 5.56 -16.59 6.67
CA PRO A 50 6.11 -17.85 7.18
C PRO A 50 7.25 -17.64 8.18
N TRP A 51 8.14 -16.70 7.89
CA TRP A 51 9.34 -16.48 8.69
C TRP A 51 9.11 -15.77 10.03
N ILE A 52 7.87 -15.43 10.34
CA ILE A 52 7.58 -14.79 11.62
C ILE A 52 6.88 -15.79 12.52
N GLU A 53 6.34 -16.84 11.91
CA GLU A 53 5.64 -17.89 12.63
C GLU A 53 6.51 -18.55 13.70
N GLN A 54 7.80 -18.63 13.42
CA GLN A 54 8.75 -19.26 14.33
C GLN A 54 8.94 -18.50 15.64
N GLU A 55 8.51 -17.25 15.68
CA GLU A 55 8.56 -16.47 16.92
C GLU A 55 7.70 -17.16 18.00
N GLY A 56 8.19 -17.16 19.23
CA GLY A 56 7.52 -17.83 20.32
C GLY A 56 6.43 -16.98 20.97
N PRO A 57 5.67 -17.58 21.89
CA PRO A 57 4.51 -16.92 22.51
C PRO A 57 4.91 -15.61 23.20
N GLU A 58 6.14 -15.53 23.69
CA GLU A 58 6.62 -14.31 24.31
C GLU A 58 6.46 -13.14 23.33
N TYR A 59 6.80 -13.40 22.08
CA TYR A 59 6.72 -12.41 21.02
C TYR A 59 5.27 -12.03 20.75
N TRP A 60 4.44 -13.03 20.54
CA TRP A 60 3.04 -12.80 20.22
C TRP A 60 2.26 -12.15 21.37
N ASP A 61 2.54 -12.57 22.60
CA ASP A 61 1.86 -11.99 23.75
C ASP A 61 2.24 -10.51 23.90
N GLY A 62 3.52 -10.20 23.70
CA GLY A 62 4.02 -8.86 23.91
C GLY A 62 3.56 -7.89 22.83
N GLU A 63 3.66 -8.33 21.58
CA GLU A 63 3.21 -7.51 20.48
C GLU A 63 1.70 -7.30 20.54
N THR A 64 0.96 -8.29 21.02
CA THR A 64 -0.47 -8.15 21.22
C THR A 64 -0.79 -7.07 22.27
N ARG A 65 -0.05 -7.08 23.38
CA ARG A 65 -0.19 -6.05 24.40
C ARG A 65 0.06 -4.67 23.78
N LYS A 66 1.21 -4.56 23.11
CA LYS A 66 1.66 -3.32 22.52
C LYS A 66 0.63 -2.71 21.59
N VAL A 67 0.19 -3.49 20.60
CA VAL A 67 -0.73 -2.99 19.59
C VAL A 67 -2.09 -2.62 20.19
N LYS A 68 -2.50 -3.32 21.25
CA LYS A 68 -3.74 -3.00 21.91
C LYS A 68 -3.64 -1.62 22.56
N ALA A 69 -2.46 -1.33 23.10
CA ALA A 69 -2.20 -0.01 23.67
C ALA A 69 -2.23 1.08 22.59
N HIS A 70 -1.57 0.82 21.46
CA HIS A 70 -1.65 1.73 20.31
C HIS A 70 -3.12 2.06 20.07
N SER A 71 -3.94 1.02 20.08
CA SER A 71 -5.38 1.12 19.86
C SER A 71 -6.04 2.03 20.89
N GLN A 72 -5.75 1.77 22.17
CA GLN A 72 -6.28 2.62 23.24
C GLN A 72 -5.87 4.07 23.05
N THR A 73 -4.59 4.30 22.78
CA THR A 73 -4.08 5.64 22.58
C THR A 73 -4.84 6.35 21.46
N HIS A 74 -5.02 5.67 20.32
CA HIS A 74 -5.73 6.28 19.21
C HIS A 74 -7.18 6.54 19.56
N ARG A 75 -7.74 5.70 20.40
CA ARG A 75 -9.11 5.88 20.83
C ARG A 75 -9.24 7.19 21.63
N VAL A 76 -8.32 7.42 22.54
CA VAL A 76 -8.32 8.68 23.27
C VAL A 76 -8.07 9.82 22.28
N ASP A 77 -7.07 9.64 21.44
CA ASP A 77 -6.73 10.65 20.43
C ASP A 77 -7.96 11.14 19.66
N LEU A 78 -8.74 10.22 19.12
CA LEU A 78 -9.89 10.64 18.32
C LEU A 78 -10.78 11.61 19.10
N GLY A 79 -10.96 11.34 20.38
CA GLY A 79 -11.74 12.23 21.24
C GLY A 79 -11.06 13.58 21.38
N THR A 80 -9.75 13.54 21.58
CA THR A 80 -8.97 14.76 21.76
C THR A 80 -8.99 15.63 20.52
N LEU A 81 -8.79 15.00 19.35
CA LEU A 81 -8.70 15.75 18.11
C LEU A 81 -10.04 16.37 17.72
N ARG A 82 -11.12 15.71 18.09
CA ARG A 82 -12.44 16.27 17.80
C ARG A 82 -12.63 17.56 18.57
N GLY A 83 -12.13 17.58 19.81
CA GLY A 83 -12.18 18.77 20.64
C GLY A 83 -11.28 19.86 20.12
N TYR A 84 -10.05 19.48 19.74
CA TYR A 84 -9.10 20.45 19.20
C TYR A 84 -9.73 21.24 18.07
N TYR A 85 -10.51 20.58 17.24
CA TYR A 85 -11.09 21.22 16.06
C TYR A 85 -12.57 21.50 16.25
N ASN A 86 -13.04 21.32 17.47
CA ASN A 86 -14.44 21.54 17.79
C ASN A 86 -15.39 20.90 16.78
N GLN A 87 -15.13 19.64 16.44
CA GLN A 87 -15.99 18.90 15.53
C GLN A 87 -17.15 18.23 16.27
N SER A 88 -18.23 17.93 15.55
CA SER A 88 -19.39 17.26 16.14
C SER A 88 -19.17 15.75 16.22
N GLU A 89 -19.95 15.07 17.04
CA GLU A 89 -19.87 13.61 17.11
C GLU A 89 -20.81 12.96 16.09
N ALA A 90 -20.95 13.62 14.95
CA ALA A 90 -21.77 13.11 13.86
C ALA A 90 -20.87 12.47 12.81
N GLY A 91 -19.80 13.17 12.47
CA GLY A 91 -18.89 12.71 11.45
C GLY A 91 -17.90 11.69 11.96
N SER A 92 -17.52 10.78 11.07
CA SER A 92 -16.46 9.81 11.35
C SER A 92 -15.14 10.47 10.99
N HIS A 93 -14.11 10.23 11.80
CA HIS A 93 -12.81 10.82 11.53
C HIS A 93 -11.74 9.75 11.53
N THR A 94 -10.57 10.08 10.98
CA THR A 94 -9.53 9.08 10.81
C THR A 94 -8.21 9.53 11.40
N VAL A 95 -7.57 8.60 12.10
CA VAL A 95 -6.23 8.82 12.60
C VAL A 95 -5.30 7.80 11.96
N GLN A 96 -4.17 8.26 11.43
CA GLN A 96 -3.21 7.37 10.80
C GLN A 96 -1.82 7.60 11.38
N ARG A 97 -1.10 6.51 11.63
CA ARG A 97 0.24 6.58 12.18
C ARG A 97 1.15 5.63 11.46
N MET A 98 2.35 6.10 11.16
CA MET A 98 3.33 5.33 10.41
C MET A 98 4.70 5.64 10.98
N TYR A 99 5.44 4.58 11.33
CA TYR A 99 6.80 4.73 11.81
C TYR A 99 7.62 3.52 11.34
N GLY A 100 8.95 3.65 11.33
CA GLY A 100 9.81 2.59 10.86
C GLY A 100 11.19 3.11 10.53
N CYS A 101 12.10 2.22 10.15
CA CYS A 101 13.47 2.60 9.88
C CYS A 101 13.98 2.05 8.55
N ASP A 102 14.97 2.75 7.98
CA ASP A 102 15.65 2.30 6.77
C ASP A 102 17.08 1.91 7.11
N VAL A 103 17.55 0.83 6.50
CA VAL A 103 18.96 0.46 6.61
C VAL A 103 19.57 0.35 5.23
N GLY A 104 20.82 0.80 5.08
CA GLY A 104 21.51 0.72 3.81
C GLY A 104 21.86 -0.72 3.44
N SER A 105 22.70 -0.87 2.42
CA SER A 105 23.10 -2.19 1.94
C SER A 105 23.94 -2.93 2.98
N ASP A 106 24.56 -2.16 3.88
CA ASP A 106 25.35 -2.72 4.97
C ASP A 106 24.48 -3.06 6.18
N TRP A 107 23.17 -2.87 6.03
CA TRP A 107 22.20 -3.12 7.09
C TRP A 107 22.40 -2.19 8.28
N ARG A 108 23.12 -1.09 8.05
CA ARG A 108 23.29 -0.06 9.06
C ARG A 108 22.15 0.94 8.97
N PHE A 109 21.78 1.50 10.12
CA PHE A 109 20.74 2.53 10.16
C PHE A 109 20.97 3.61 9.11
N LEU A 110 19.87 4.17 8.59
CA LEU A 110 19.93 5.17 7.54
C LEU A 110 18.99 6.34 7.81
N ARG A 111 17.78 6.01 8.26
CA ARG A 111 16.70 6.99 8.38
C ARG A 111 15.63 6.50 9.36
N GLY A 112 14.99 7.43 10.06
CA GLY A 112 13.89 7.09 10.95
C GLY A 112 12.67 7.93 10.68
N TYR A 113 11.49 7.33 10.89
CA TYR A 113 10.22 7.97 10.56
C TYR A 113 9.18 7.81 11.65
N HIS A 114 8.52 8.89 12.01
CA HIS A 114 7.31 8.78 12.83
C HIS A 114 6.32 9.87 12.47
N GLN A 115 5.25 9.49 11.78
CA GLN A 115 4.32 10.47 11.21
C GLN A 115 2.89 10.20 11.61
N TYR A 116 2.13 11.29 11.75
CA TYR A 116 0.79 11.22 12.27
C TYR A 116 -0.13 12.04 11.36
N ALA A 117 -1.27 11.47 10.99
CA ALA A 117 -2.22 12.17 10.13
C ALA A 117 -3.62 12.15 10.71
N TYR A 118 -4.32 13.27 10.53
CA TYR A 118 -5.72 13.38 10.93
C TYR A 118 -6.55 13.65 9.68
N ASP A 119 -7.57 12.82 9.46
CA ASP A 119 -8.43 12.96 8.30
C ASP A 119 -7.66 13.13 6.99
N GLY A 120 -6.66 12.26 6.81
CA GLY A 120 -5.94 12.17 5.55
C GLY A 120 -4.87 13.21 5.26
N LYS A 121 -4.57 14.07 6.23
CA LYS A 121 -3.50 15.06 6.01
C LYS A 121 -2.50 15.12 7.17
N ASP A 122 -1.27 15.49 6.86
CA ASP A 122 -0.24 15.68 7.87
C ASP A 122 -0.80 16.38 9.11
N TYR A 123 -0.46 15.84 10.28
CA TYR A 123 -0.77 16.50 11.55
C TYR A 123 0.53 16.85 12.29
N ILE A 124 1.30 15.83 12.64
CA ILE A 124 2.61 16.05 13.25
C ILE A 124 3.57 14.95 12.82
N ALA A 125 4.80 15.33 12.49
CA ALA A 125 5.78 14.35 12.05
C ALA A 125 7.13 14.61 12.70
N LEU A 126 7.80 13.53 13.07
CA LEU A 126 9.15 13.62 13.60
C LEU A 126 10.10 13.89 12.44
N LYS A 127 11.01 14.83 12.62
CA LYS A 127 11.90 15.20 11.53
C LYS A 127 13.04 14.21 11.39
N GLU A 128 13.88 14.42 10.38
CA GLU A 128 14.91 13.45 10.05
C GLU A 128 16.00 13.37 11.12
N ASP A 129 16.27 14.50 11.77
CA ASP A 129 17.27 14.53 12.83
C ASP A 129 16.77 13.80 14.10
N LEU A 130 15.51 13.37 14.06
CA LEU A 130 14.91 12.63 15.17
C LEU A 130 15.01 13.37 16.51
N ARG A 131 15.04 14.69 16.47
CA ARG A 131 15.09 15.51 17.67
C ARG A 131 14.04 16.64 17.64
N SER A 132 13.37 16.81 16.50
CA SER A 132 12.45 17.93 16.31
C SER A 132 11.13 17.56 15.63
N TRP A 133 10.14 18.44 15.74
CA TRP A 133 8.79 18.16 15.23
C TRP A 133 8.30 19.16 14.18
N THR A 134 7.61 18.65 13.18
CA THR A 134 6.90 19.48 12.22
C THR A 134 5.39 19.41 12.52
N ALA A 135 4.81 20.54 12.89
CA ALA A 135 3.38 20.59 13.20
C ALA A 135 2.60 21.28 12.08
N ALA A 136 1.55 20.63 11.60
CA ALA A 136 0.77 21.15 10.49
C ALA A 136 0.06 22.46 10.84
N ASP A 137 -0.45 22.57 12.06
CA ASP A 137 -1.16 23.79 12.46
C ASP A 137 -1.07 24.06 13.96
N MET A 138 -1.84 25.02 14.42
CA MET A 138 -1.83 25.39 15.83
C MET A 138 -2.41 24.30 16.74
N ALA A 139 -3.34 23.50 16.23
CA ALA A 139 -3.84 22.38 17.02
C ALA A 139 -2.69 21.41 17.23
N ALA A 140 -2.00 21.07 16.14
CA ALA A 140 -0.83 20.22 16.19
C ALA A 140 0.28 20.84 17.05
N GLN A 141 0.26 22.17 17.16
CA GLN A 141 1.26 22.84 17.98
C GLN A 141 1.10 22.46 19.45
N THR A 142 -0.16 22.37 19.89
CA THR A 142 -0.47 21.91 21.23
C THR A 142 0.17 20.54 21.49
N THR A 143 -0.01 19.64 20.53
CA THR A 143 0.53 18.28 20.61
C THR A 143 2.06 18.30 20.61
N LYS A 144 2.62 19.19 19.81
CA LYS A 144 4.06 19.35 19.75
C LYS A 144 4.60 19.71 21.13
N HIS A 145 3.99 20.69 21.76
CA HIS A 145 4.42 21.11 23.10
C HIS A 145 4.31 19.94 24.08
N LYS A 146 3.23 19.17 23.98
CA LYS A 146 3.08 18.00 24.85
C LYS A 146 4.24 17.03 24.68
N TRP A 147 4.63 16.77 23.43
CA TRP A 147 5.67 15.79 23.14
C TRP A 147 7.10 16.31 23.37
N GLU A 148 7.25 17.62 23.43
CA GLU A 148 8.55 18.20 23.76
C GLU A 148 8.76 18.15 25.27
N ALA A 149 7.71 18.45 26.01
CA ALA A 149 7.72 18.38 27.46
C ALA A 149 7.95 16.95 27.95
N ALA A 150 7.35 15.99 27.24
CA ALA A 150 7.45 14.58 27.62
C ALA A 150 8.63 13.89 26.93
N HIS A 151 9.41 14.69 26.20
CA HIS A 151 10.59 14.19 25.49
C HIS A 151 10.30 12.91 24.74
N VAL A 152 9.33 12.97 23.84
CA VAL A 152 8.94 11.82 23.06
C VAL A 152 9.96 11.52 21.95
N ALA A 153 10.47 12.58 21.30
CA ALA A 153 11.47 12.44 20.27
C ALA A 153 12.64 11.54 20.68
N GLU A 154 13.17 11.78 21.87
CA GLU A 154 14.32 11.02 22.38
C GLU A 154 13.96 9.56 22.58
N GLN A 155 12.73 9.31 23.03
CA GLN A 155 12.22 7.95 23.17
C GLN A 155 12.13 7.26 21.82
N LEU A 156 11.69 7.99 20.81
CA LEU A 156 11.56 7.44 19.47
C LEU A 156 12.93 7.15 18.85
N ARG A 157 13.86 8.09 19.01
CA ARG A 157 15.19 7.89 18.46
C ARG A 157 15.79 6.56 18.92
N ALA A 158 15.70 6.28 20.21
CA ALA A 158 16.20 5.01 20.75
C ALA A 158 15.63 3.84 19.97
N TYR A 159 14.31 3.80 19.81
CA TYR A 159 13.65 2.73 19.08
C TYR A 159 14.10 2.64 17.62
N LEU A 160 14.02 3.77 16.91
CA LEU A 160 14.30 3.81 15.48
C LEU A 160 15.76 3.45 15.15
N GLU A 161 16.69 3.95 15.96
CA GLU A 161 18.11 3.73 15.73
C GLU A 161 18.61 2.42 16.35
N GLY A 162 17.81 1.82 17.24
CA GLY A 162 18.20 0.61 17.93
C GLY A 162 17.27 -0.57 17.66
N THR A 163 16.26 -0.71 18.50
CA THR A 163 15.31 -1.83 18.43
C THR A 163 14.79 -2.09 17.01
N CYS A 164 14.39 -1.02 16.34
CA CYS A 164 13.81 -1.11 15.00
C CYS A 164 14.78 -1.76 14.01
N VAL A 165 15.99 -1.22 13.96
CA VAL A 165 17.04 -1.76 13.10
C VAL A 165 17.44 -3.19 13.47
N GLU A 166 17.72 -3.41 14.75
CA GLU A 166 18.17 -4.73 15.22
C GLU A 166 17.18 -5.82 14.86
N TRP A 167 15.89 -5.53 14.98
CA TRP A 167 14.87 -6.51 14.67
C TRP A 167 14.67 -6.67 13.16
N LEU A 168 14.82 -5.57 12.41
CA LEU A 168 14.80 -5.66 10.96
C LEU A 168 15.88 -6.64 10.48
N ARG A 169 17.08 -6.54 11.06
CA ARG A 169 18.18 -7.44 10.71
C ARG A 169 17.77 -8.88 10.96
N ARG A 170 17.12 -9.11 12.09
CA ARG A 170 16.67 -10.45 12.46
C ARG A 170 15.64 -11.03 11.50
N TYR A 171 14.72 -10.20 11.01
CA TYR A 171 13.73 -10.65 10.05
C TYR A 171 14.39 -10.95 8.70
N LEU A 172 15.32 -10.08 8.30
CA LEU A 172 16.07 -10.29 7.06
C LEU A 172 16.82 -11.62 7.05
N GLU A 173 17.39 -12.00 8.19
CA GLU A 173 18.05 -13.30 8.29
C GLU A 173 17.03 -14.44 8.23
N ASN A 174 16.07 -14.44 9.15
CA ASN A 174 15.11 -15.53 9.22
C ASN A 174 14.24 -15.67 7.96
N GLY A 175 14.03 -14.56 7.26
CA GLY A 175 13.25 -14.55 6.04
C GLY A 175 14.10 -14.36 4.79
N LYS A 176 15.39 -14.62 4.92
CA LYS A 176 16.36 -14.53 3.83
C LYS A 176 15.82 -15.04 2.50
N GLU A 177 15.28 -16.25 2.50
CA GLU A 177 14.77 -16.88 1.28
C GLU A 177 13.84 -15.99 0.46
N THR A 178 12.95 -15.28 1.14
CA THR A 178 11.97 -14.44 0.46
C THR A 178 12.43 -12.98 0.40
N LEU A 179 12.77 -12.43 1.57
CA LEU A 179 13.09 -11.01 1.68
C LEU A 179 14.33 -10.62 0.90
N GLN A 180 15.29 -11.53 0.78
CA GLN A 180 16.53 -11.21 0.07
C GLN A 180 16.50 -11.68 -1.39
N ARG A 181 15.35 -12.14 -1.84
CA ARG A 181 15.15 -12.51 -3.24
C ARG A 181 14.96 -11.28 -4.13
N THR A 182 15.28 -11.44 -5.41
CA THR A 182 15.03 -10.39 -6.39
C THR A 182 14.48 -11.01 -7.67
N ASP A 183 13.18 -10.82 -7.89
CA ASP A 183 12.52 -11.33 -9.09
C ASP A 183 12.54 -10.27 -10.18
N ALA A 184 13.28 -10.55 -11.26
CA ALA A 184 13.35 -9.62 -12.39
C ALA A 184 12.04 -9.64 -13.18
N PRO A 185 11.59 -8.48 -13.66
CA PRO A 185 10.32 -8.40 -14.38
C PRO A 185 10.33 -9.17 -15.69
N LYS A 186 9.23 -9.86 -15.97
CA LYS A 186 8.98 -10.42 -17.29
C LYS A 186 8.23 -9.35 -18.08
N THR A 187 8.72 -9.06 -19.28
CA THR A 187 8.19 -7.94 -20.03
C THR A 187 7.60 -8.35 -21.35
N HIS A 188 6.62 -7.58 -21.81
CA HIS A 188 6.02 -7.78 -23.12
C HIS A 188 5.22 -6.52 -23.46
N MET A 189 4.79 -6.39 -24.71
CA MET A 189 4.09 -5.19 -25.13
C MET A 189 2.77 -5.55 -25.80
N THR A 190 1.79 -4.65 -25.74
CA THR A 190 0.53 -4.86 -26.44
C THR A 190 0.17 -3.64 -27.29
N HIS A 191 -0.73 -3.84 -28.24
CA HIS A 191 -1.06 -2.83 -29.24
C HIS A 191 -2.56 -2.83 -29.48
N HIS A 192 -3.18 -1.66 -29.39
CA HIS A 192 -4.62 -1.56 -29.66
C HIS A 192 -4.94 -0.32 -30.49
N ALA A 193 -5.75 -0.51 -31.53
CA ALA A 193 -6.24 0.62 -32.32
C ALA A 193 -7.20 1.49 -31.48
N VAL A 194 -7.02 2.81 -31.54
CA VAL A 194 -7.86 3.75 -30.80
C VAL A 194 -8.84 4.48 -31.71
N SER A 195 -8.36 4.88 -32.88
CA SER A 195 -9.22 5.34 -33.97
C SER A 195 -8.84 4.53 -35.20
N ASP A 196 -8.51 5.22 -36.28
CA ASP A 196 -7.92 4.57 -37.45
C ASP A 196 -6.65 5.32 -37.82
N HIS A 197 -6.23 6.18 -36.90
CA HIS A 197 -5.02 6.98 -37.08
C HIS A 197 -4.21 7.03 -35.78
N GLU A 198 -4.77 6.42 -34.73
CA GLU A 198 -4.07 6.32 -33.46
C GLU A 198 -4.13 4.92 -32.89
N ALA A 199 -3.08 4.56 -32.14
CA ALA A 199 -3.00 3.25 -31.50
C ALA A 199 -2.28 3.36 -30.17
N THR A 200 -2.68 2.52 -29.21
CA THR A 200 -2.06 2.53 -27.90
C THR A 200 -1.01 1.42 -27.78
N LEU A 201 0.17 1.78 -27.31
CA LEU A 201 1.22 0.81 -27.01
C LEU A 201 1.32 0.69 -25.50
N ARG A 202 1.19 -0.53 -24.97
CA ARG A 202 1.26 -0.72 -23.53
C ARG A 202 2.44 -1.58 -23.12
N CYS A 203 3.31 -1.02 -22.28
CA CYS A 203 4.51 -1.70 -21.82
C CYS A 203 4.25 -2.41 -20.49
N TRP A 204 4.42 -3.72 -20.47
CA TRP A 204 4.11 -4.54 -19.30
C TRP A 204 5.34 -5.05 -18.54
N ALA A 205 5.31 -4.86 -17.22
CA ALA A 205 6.28 -5.47 -16.32
C ALA A 205 5.55 -6.35 -15.30
N LEU A 206 5.85 -7.65 -15.30
CA LEU A 206 5.13 -8.61 -14.45
C LEU A 206 6.07 -9.42 -13.55
N SER A 207 5.49 -10.08 -12.54
CA SER A 207 6.22 -11.01 -11.67
C SER A 207 7.52 -10.48 -11.07
N PHE A 208 7.57 -9.21 -10.69
CA PHE A 208 8.82 -8.69 -10.15
C PHE A 208 8.78 -8.40 -8.65
N TYR A 209 9.95 -8.57 -8.02
CA TYR A 209 10.13 -8.19 -6.62
C TYR A 209 11.55 -7.65 -6.45
N PRO A 210 11.70 -6.58 -5.66
CA PRO A 210 10.63 -5.82 -5.00
C PRO A 210 9.79 -4.99 -5.97
N ALA A 211 8.95 -4.12 -5.41
CA ALA A 211 7.98 -3.36 -6.18
C ALA A 211 8.55 -2.10 -6.84
N GLU A 212 9.68 -1.61 -6.35
CA GLU A 212 10.34 -0.46 -6.95
C GLU A 212 10.73 -0.74 -8.40
N ILE A 213 10.27 0.11 -9.31
CA ILE A 213 10.48 -0.10 -10.74
C ILE A 213 10.25 1.18 -11.51
N THR A 214 10.92 1.33 -12.65
CA THR A 214 10.74 2.52 -13.48
C THR A 214 10.44 2.16 -14.94
N LEU A 215 9.31 2.65 -15.43
CA LEU A 215 8.92 2.44 -16.82
C LEU A 215 8.86 3.79 -17.53
N THR A 216 9.71 3.96 -18.53
CA THR A 216 9.72 5.20 -19.28
C THR A 216 9.52 4.91 -20.76
N TRP A 217 8.84 5.82 -21.45
CA TRP A 217 8.69 5.73 -22.89
C TRP A 217 9.62 6.73 -23.55
N GLN A 218 10.40 6.27 -24.52
CA GLN A 218 11.23 7.14 -25.33
C GLN A 218 10.69 7.15 -26.74
N ARG A 219 10.94 8.25 -27.45
CA ARG A 219 10.51 8.36 -28.84
C ARG A 219 11.69 8.91 -29.63
N ASP A 220 12.16 8.14 -30.61
CA ASP A 220 13.41 8.44 -31.29
C ASP A 220 14.54 8.53 -30.27
N GLY A 221 14.42 7.74 -29.20
CA GLY A 221 15.44 7.68 -28.18
C GLY A 221 15.44 8.83 -27.19
N GLU A 222 14.40 9.67 -27.23
CA GLU A 222 14.30 10.77 -26.29
C GLU A 222 13.09 10.62 -25.36
N ASP A 223 13.31 10.91 -24.08
CA ASP A 223 12.26 10.74 -23.06
C ASP A 223 10.95 11.37 -23.52
N GLN A 224 9.84 10.79 -23.09
CA GLN A 224 8.54 11.29 -23.51
C GLN A 224 7.49 11.23 -22.40
N THR A 225 7.22 12.36 -21.76
CA THR A 225 6.07 12.43 -20.89
C THR A 225 4.82 12.46 -21.78
N GLN A 226 4.37 13.67 -22.10
CA GLN A 226 3.24 13.86 -22.99
C GLN A 226 2.16 12.79 -22.90
N ASP A 227 1.80 12.20 -24.04
CA ASP A 227 0.66 11.30 -24.12
C ASP A 227 0.88 9.96 -23.43
N THR A 228 1.51 9.97 -22.25
CA THR A 228 1.91 8.74 -21.57
C THR A 228 1.07 8.47 -20.32
N GLU A 229 0.85 7.19 -20.02
CA GLU A 229 0.04 6.78 -18.88
C GLU A 229 0.77 5.79 -17.98
N LEU A 230 0.88 6.11 -16.69
CA LEU A 230 1.55 5.25 -15.72
C LEU A 230 0.57 4.81 -14.63
N VAL A 231 0.19 3.53 -14.61
CA VAL A 231 -0.66 3.04 -13.53
C VAL A 231 0.12 2.77 -12.24
N GLU A 232 -0.59 2.86 -11.12
CA GLU A 232 -0.01 2.56 -9.81
C GLU A 232 0.46 1.10 -9.79
N THR A 233 1.67 0.87 -9.28
CA THR A 233 2.19 -0.48 -9.12
C THR A 233 1.20 -1.28 -8.29
N ARG A 234 0.97 -2.53 -8.69
CA ARG A 234 -0.06 -3.34 -8.05
C ARG A 234 0.48 -4.71 -7.64
N PRO A 235 -0.12 -5.31 -6.60
CA PRO A 235 0.24 -6.65 -6.11
C PRO A 235 -0.40 -7.73 -6.96
N ALA A 236 0.34 -8.79 -7.29
CA ALA A 236 -0.23 -9.91 -8.03
C ALA A 236 -1.02 -10.83 -7.10
N GLY A 237 -0.56 -10.93 -5.85
CA GLY A 237 -1.21 -11.76 -4.86
C GLY A 237 -0.38 -12.98 -4.53
N ASP A 238 0.86 -12.98 -5.01
CA ASP A 238 1.75 -14.11 -4.84
C ASP A 238 3.13 -13.63 -4.42
N GLY A 239 3.19 -12.43 -3.88
CA GLY A 239 4.45 -11.85 -3.47
C GLY A 239 5.09 -10.99 -4.54
N THR A 240 4.67 -11.15 -5.80
CA THR A 240 5.24 -10.35 -6.88
C THR A 240 4.39 -9.12 -7.21
N PHE A 241 4.94 -8.23 -8.03
CA PHE A 241 4.22 -7.03 -8.42
C PHE A 241 4.08 -6.86 -9.93
N GLN A 242 3.20 -5.93 -10.32
CA GLN A 242 2.91 -5.67 -11.72
C GLN A 242 2.82 -4.16 -11.96
N LYS A 243 3.09 -3.74 -13.19
CA LYS A 243 2.92 -2.35 -13.56
C LYS A 243 2.97 -2.21 -15.07
N TRP A 244 2.21 -1.29 -15.60
CA TRP A 244 2.33 -0.97 -17.02
C TRP A 244 2.39 0.52 -17.30
N ALA A 245 2.93 0.84 -18.48
CA ALA A 245 3.04 2.23 -18.93
C ALA A 245 2.61 2.24 -20.38
N ALA A 246 1.77 3.20 -20.74
CA ALA A 246 1.25 3.23 -22.10
C ALA A 246 1.51 4.58 -22.77
N VAL A 247 1.42 4.58 -24.09
CA VAL A 247 1.53 5.81 -24.86
C VAL A 247 0.63 5.69 -26.07
N VAL A 248 -0.03 6.78 -26.44
CA VAL A 248 -0.89 6.81 -27.61
C VAL A 248 -0.08 7.36 -28.78
N VAL A 249 -0.12 6.66 -29.91
CA VAL A 249 0.74 7.01 -31.03
C VAL A 249 0.00 7.09 -32.36
N PRO A 250 0.52 7.91 -33.30
CA PRO A 250 -0.04 7.90 -34.65
C PRO A 250 0.23 6.55 -35.30
N SER A 251 -0.80 5.92 -35.87
CA SER A 251 -0.62 4.69 -36.62
C SER A 251 0.47 4.87 -37.68
N GLY A 252 1.33 3.85 -37.80
CA GLY A 252 2.43 3.89 -38.75
C GLY A 252 3.71 4.43 -38.12
N GLN A 253 3.62 4.91 -36.88
CA GLN A 253 4.77 5.48 -36.22
C GLN A 253 5.21 4.66 -35.00
N GLU A 254 4.61 3.49 -34.84
CA GLU A 254 4.88 2.63 -33.69
C GLU A 254 6.38 2.39 -33.45
N GLN A 255 7.17 2.28 -34.52
CA GLN A 255 8.58 1.94 -34.37
C GLN A 255 9.46 3.09 -33.85
N ARG A 256 8.87 4.28 -33.73
CA ARG A 256 9.60 5.43 -33.16
C ARG A 256 9.73 5.30 -31.65
N TYR A 257 8.95 4.41 -31.06
CA TYR A 257 8.81 4.37 -29.60
C TYR A 257 9.49 3.17 -28.96
N THR A 258 10.06 3.40 -27.78
CA THR A 258 10.68 2.33 -27.02
C THR A 258 10.37 2.47 -25.55
N CYS A 259 10.00 1.36 -24.93
CA CYS A 259 9.77 1.36 -23.50
C CYS A 259 11.07 0.92 -22.83
N HIS A 260 11.45 1.62 -21.77
CA HIS A 260 12.65 1.24 -21.05
C HIS A 260 12.31 0.81 -19.64
N VAL A 261 12.96 -0.26 -19.19
CA VAL A 261 12.61 -0.87 -17.92
C VAL A 261 13.82 -0.94 -16.99
N GLN A 262 13.68 -0.35 -15.81
CA GLN A 262 14.72 -0.41 -14.78
C GLN A 262 14.22 -1.16 -13.53
N HIS A 263 15.03 -2.10 -13.06
CA HIS A 263 14.70 -2.91 -11.88
C HIS A 263 15.98 -3.60 -11.42
N GLU A 264 16.15 -3.75 -10.10
CA GLU A 264 17.38 -4.32 -9.57
C GLU A 264 17.52 -5.82 -9.83
N GLY A 265 16.52 -6.42 -10.46
CA GLY A 265 16.62 -7.81 -10.88
C GLY A 265 17.23 -7.86 -12.27
N LEU A 266 17.31 -6.68 -12.89
CA LEU A 266 17.84 -6.54 -14.23
C LEU A 266 19.26 -6.00 -14.19
N PRO A 267 20.22 -6.82 -14.61
CA PRO A 267 21.64 -6.42 -14.69
C PRO A 267 21.77 -5.18 -15.55
N LYS A 268 21.15 -5.21 -16.73
CA LYS A 268 21.09 -4.04 -17.60
C LYS A 268 19.62 -3.72 -17.92
N PRO A 269 19.30 -2.42 -18.03
CA PRO A 269 17.92 -1.99 -18.34
C PRO A 269 17.42 -2.62 -19.65
N LEU A 270 16.15 -2.99 -19.69
CA LEU A 270 15.57 -3.56 -20.89
C LEU A 270 15.04 -2.45 -21.78
N THR A 271 15.19 -2.62 -23.09
CA THR A 271 14.57 -1.72 -24.05
C THR A 271 13.63 -2.56 -24.90
N LEU A 272 12.37 -2.14 -24.98
CA LEU A 272 11.38 -2.90 -25.74
C LEU A 272 10.88 -2.10 -26.93
N ARG A 273 10.69 -2.80 -28.05
CA ARG A 273 10.10 -2.20 -29.23
C ARG A 273 8.97 -3.10 -29.71
N TRP A 274 7.96 -2.49 -30.32
CA TRP A 274 6.75 -3.21 -30.76
C TRP A 274 7.09 -4.39 -31.68
N GLU A 275 6.81 -5.60 -31.19
CA GLU A 275 7.18 -6.85 -31.85
C GLU A 275 8.70 -7.11 -31.80
N MET B 1 -11.33 18.08 5.74
CA MET B 1 -11.64 16.72 5.31
C MET B 1 -11.17 16.46 3.88
N ILE B 2 -10.13 15.64 3.75
CA ILE B 2 -9.63 15.25 2.43
C ILE B 2 -10.52 14.17 1.82
N GLN B 3 -11.01 14.41 0.61
CA GLN B 3 -11.70 13.35 -0.13
C GLN B 3 -10.87 12.93 -1.33
N ARG B 4 -10.54 11.64 -1.39
CA ARG B 4 -9.81 11.10 -2.54
C ARG B 4 -10.62 10.00 -3.22
N THR B 5 -10.64 10.04 -4.54
CA THR B 5 -11.39 9.09 -5.35
C THR B 5 -10.51 7.87 -5.59
N PRO B 6 -11.08 6.67 -5.42
CA PRO B 6 -10.32 5.42 -5.56
C PRO B 6 -9.90 5.15 -7.01
N LYS B 7 -8.66 4.73 -7.22
CA LYS B 7 -8.24 4.21 -8.52
C LYS B 7 -8.52 2.72 -8.53
N ILE B 8 -9.08 2.23 -9.63
CA ILE B 8 -9.49 0.83 -9.69
C ILE B 8 -8.78 0.07 -10.81
N GLN B 9 -8.18 -1.06 -10.46
CA GLN B 9 -7.54 -1.94 -11.44
C GLN B 9 -8.02 -3.37 -11.29
N VAL B 10 -8.64 -3.89 -12.35
CA VAL B 10 -9.11 -5.27 -12.35
C VAL B 10 -8.19 -6.10 -13.25
N TYR B 11 -7.72 -7.24 -12.74
CA TYR B 11 -6.69 -8.00 -13.43
C TYR B 11 -6.47 -9.38 -12.79
N SER B 12 -5.83 -10.29 -13.52
CA SER B 12 -5.56 -11.62 -13.02
C SER B 12 -4.13 -11.75 -12.47
N ARG B 13 -3.97 -12.62 -11.47
CA ARG B 13 -2.66 -12.86 -10.87
C ARG B 13 -1.66 -13.40 -11.88
N HIS B 14 -2.07 -14.40 -12.64
CA HIS B 14 -1.23 -14.99 -13.68
C HIS B 14 -1.85 -14.69 -15.02
N PRO B 15 -1.06 -14.77 -16.10
CA PRO B 15 -1.65 -14.58 -17.43
C PRO B 15 -2.83 -15.53 -17.62
N ALA B 16 -3.90 -15.04 -18.26
CA ALA B 16 -5.14 -15.81 -18.35
C ALA B 16 -5.10 -16.89 -19.42
N GLU B 17 -5.48 -18.11 -19.04
CA GLU B 17 -5.70 -19.21 -19.97
C GLU B 17 -7.06 -19.83 -19.72
N ASN B 18 -7.96 -19.78 -20.70
CA ASN B 18 -9.26 -20.43 -20.54
C ASN B 18 -9.11 -21.89 -20.10
N GLY B 19 -9.79 -22.26 -19.01
CA GLY B 19 -9.72 -23.61 -18.50
C GLY B 19 -8.66 -23.86 -17.42
N LYS B 20 -7.75 -22.91 -17.25
CA LYS B 20 -6.73 -23.02 -16.21
C LYS B 20 -7.05 -22.09 -15.04
N SER B 21 -7.00 -22.61 -13.81
CA SER B 21 -7.40 -21.81 -12.64
C SER B 21 -6.40 -20.70 -12.32
N ASN B 22 -6.92 -19.61 -11.78
CA ASN B 22 -6.17 -18.37 -11.58
C ASN B 22 -6.78 -17.59 -10.41
N PHE B 23 -6.31 -16.36 -10.21
CA PHE B 23 -6.94 -15.45 -9.26
C PHE B 23 -7.36 -14.18 -9.97
N LEU B 24 -8.58 -13.71 -9.69
CA LEU B 24 -9.02 -12.41 -10.19
C LEU B 24 -8.86 -11.37 -9.09
N ASN B 25 -8.20 -10.27 -9.43
CA ASN B 25 -7.91 -9.22 -8.46
C ASN B 25 -8.62 -7.92 -8.76
N CYS B 26 -8.99 -7.23 -7.70
CA CYS B 26 -9.46 -5.86 -7.80
C CYS B 26 -8.66 -5.01 -6.82
N TYR B 27 -7.85 -4.11 -7.35
CA TYR B 27 -6.98 -3.29 -6.53
C TYR B 27 -7.46 -1.84 -6.49
N VAL B 28 -7.90 -1.40 -5.33
CA VAL B 28 -8.36 -0.03 -5.15
C VAL B 28 -7.35 0.73 -4.30
N SER B 29 -6.93 1.89 -4.81
CA SER B 29 -5.87 2.64 -4.17
C SER B 29 -6.12 4.13 -4.27
N GLY B 30 -5.32 4.90 -3.55
CA GLY B 30 -5.38 6.34 -3.61
C GLY B 30 -6.64 6.99 -3.06
N PHE B 31 -7.48 6.23 -2.35
CA PHE B 31 -8.75 6.78 -1.84
C PHE B 31 -8.72 7.26 -0.39
N HIS B 32 -9.74 8.03 -0.01
CA HIS B 32 -9.92 8.56 1.35
C HIS B 32 -11.30 9.21 1.46
N PRO B 33 -12.03 8.93 2.55
CA PRO B 33 -11.59 8.10 3.69
C PRO B 33 -11.66 6.63 3.34
N SER B 34 -11.58 5.78 4.38
CA SER B 34 -11.33 4.36 4.20
C SER B 34 -12.56 3.51 3.89
N ASP B 35 -13.74 3.99 4.27
CA ASP B 35 -14.96 3.24 4.02
C ASP B 35 -15.10 3.02 2.52
N ILE B 36 -15.12 1.77 2.09
CA ILE B 36 -15.24 1.47 0.68
C ILE B 36 -15.90 0.11 0.41
N GLU B 37 -16.75 0.07 -0.61
CA GLU B 37 -17.45 -1.14 -1.00
C GLU B 37 -16.79 -1.74 -2.23
N VAL B 38 -16.33 -2.98 -2.12
CA VAL B 38 -15.66 -3.65 -3.23
C VAL B 38 -16.27 -5.03 -3.47
N ASP B 39 -16.84 -5.22 -4.65
CA ASP B 39 -17.40 -6.50 -5.02
C ASP B 39 -16.85 -7.01 -6.35
N LEU B 40 -16.66 -8.33 -6.40
CA LEU B 40 -16.29 -8.97 -7.66
C LEU B 40 -17.53 -9.61 -8.28
N LEU B 41 -17.73 -9.39 -9.57
CA LEU B 41 -18.92 -9.88 -10.25
C LEU B 41 -18.58 -10.90 -11.33
N LYS B 42 -19.42 -11.93 -11.45
CA LYS B 42 -19.34 -12.87 -12.56
C LYS B 42 -20.67 -12.80 -13.30
N ASN B 43 -20.63 -12.42 -14.58
CA ASN B 43 -21.85 -12.28 -15.34
C ASN B 43 -22.88 -11.46 -14.57
N GLY B 44 -22.41 -10.34 -14.01
CA GLY B 44 -23.30 -9.42 -13.32
C GLY B 44 -23.66 -9.75 -11.88
N GLU B 45 -23.42 -10.99 -11.45
CA GLU B 45 -23.78 -11.38 -10.09
C GLU B 45 -22.56 -11.37 -9.16
N ARG B 46 -22.76 -10.92 -7.92
CA ARG B 46 -21.64 -10.78 -7.00
C ARG B 46 -21.06 -12.14 -6.59
N ILE B 47 -19.76 -12.17 -6.38
CA ILE B 47 -19.05 -13.39 -6.00
C ILE B 47 -18.85 -13.42 -4.48
N GLU B 48 -19.23 -14.53 -3.84
CA GLU B 48 -19.15 -14.61 -2.38
C GLU B 48 -17.75 -14.90 -1.87
N LYS B 49 -17.10 -15.90 -2.45
CA LYS B 49 -15.81 -16.37 -1.93
C LYS B 49 -14.70 -15.42 -2.37
N VAL B 50 -14.67 -14.25 -1.74
CA VAL B 50 -13.68 -13.23 -2.03
C VAL B 50 -12.93 -12.91 -0.75
N GLU B 51 -11.62 -12.74 -0.86
CA GLU B 51 -10.80 -12.33 0.28
C GLU B 51 -10.28 -10.92 0.06
N HIS B 52 -9.71 -10.32 1.10
CA HIS B 52 -9.13 -9.00 0.96
C HIS B 52 -7.94 -8.79 1.88
N SER B 53 -7.07 -7.87 1.49
CA SER B 53 -5.89 -7.57 2.26
C SER B 53 -6.24 -6.74 3.47
N ASP B 54 -5.27 -6.60 4.38
CA ASP B 54 -5.43 -5.74 5.53
C ASP B 54 -5.21 -4.28 5.13
N LEU B 55 -6.16 -3.42 5.49
CA LEU B 55 -6.10 -2.01 5.11
C LEU B 55 -4.73 -1.41 5.40
N SER B 56 -4.16 -0.75 4.38
CA SER B 56 -2.90 -0.04 4.55
C SER B 56 -2.96 1.26 3.72
N PHE B 57 -1.87 2.00 3.68
CA PHE B 57 -1.88 3.31 3.04
C PHE B 57 -0.50 3.78 2.57
N SER B 58 -0.51 4.71 1.62
CA SER B 58 0.74 5.17 1.01
C SER B 58 1.32 6.42 1.67
N LYS B 59 2.46 6.85 1.14
CA LYS B 59 3.19 7.98 1.68
C LYS B 59 2.31 9.23 1.79
N ASP B 60 1.27 9.30 0.97
CA ASP B 60 0.37 10.46 0.96
C ASP B 60 -0.88 10.22 1.82
N TRP B 61 -0.85 9.14 2.59
CA TRP B 61 -1.95 8.76 3.49
C TRP B 61 -3.16 8.14 2.80
N SER B 62 -3.18 8.09 1.48
CA SER B 62 -4.31 7.45 0.78
C SER B 62 -4.29 5.93 0.96
N PHE B 63 -5.47 5.34 1.07
CA PHE B 63 -5.61 3.91 1.34
C PHE B 63 -5.53 3.04 0.08
N TYR B 64 -5.20 1.77 0.29
CA TYR B 64 -5.24 0.78 -0.78
C TYR B 64 -5.66 -0.58 -0.21
N LEU B 65 -6.37 -1.36 -1.03
CA LEU B 65 -6.85 -2.68 -0.63
C LEU B 65 -6.84 -3.59 -1.83
N LEU B 66 -6.53 -4.87 -1.60
CA LEU B 66 -6.61 -5.88 -2.64
C LEU B 66 -7.74 -6.85 -2.36
N TYR B 67 -8.71 -6.91 -3.26
CA TYR B 67 -9.72 -7.96 -3.21
C TYR B 67 -9.38 -9.02 -4.25
N TYR B 68 -9.48 -10.29 -3.87
CA TYR B 68 -9.09 -11.36 -4.79
C TYR B 68 -9.93 -12.62 -4.61
N THR B 69 -10.21 -13.29 -5.72
CA THR B 69 -10.97 -14.54 -5.68
C THR B 69 -10.36 -15.56 -6.65
N GLU B 70 -10.49 -16.84 -6.31
CA GLU B 70 -10.06 -17.90 -7.19
C GLU B 70 -11.08 -18.06 -8.31
N PHE B 71 -10.61 -18.20 -9.55
CA PHE B 71 -11.51 -18.43 -10.66
C PHE B 71 -10.85 -19.18 -11.81
N THR B 72 -11.67 -19.68 -12.71
CA THR B 72 -11.17 -20.25 -13.95
C THR B 72 -11.83 -19.53 -15.12
N PRO B 73 -11.04 -18.67 -15.80
CA PRO B 73 -11.57 -17.87 -16.90
C PRO B 73 -12.07 -18.76 -18.02
N THR B 74 -13.07 -18.26 -18.75
CA THR B 74 -13.56 -18.95 -19.94
C THR B 74 -13.70 -17.93 -21.06
N GLU B 75 -14.05 -18.41 -22.25
CA GLU B 75 -14.25 -17.53 -23.39
C GLU B 75 -15.49 -16.65 -23.17
N LYS B 76 -16.52 -17.23 -22.58
CA LYS B 76 -17.81 -16.55 -22.42
C LYS B 76 -17.98 -15.70 -21.14
N ASP B 77 -17.45 -16.17 -20.02
CA ASP B 77 -17.71 -15.51 -18.74
C ASP B 77 -17.14 -14.09 -18.66
N GLU B 78 -17.97 -13.14 -18.23
CA GLU B 78 -17.56 -11.75 -18.05
C GLU B 78 -17.37 -11.44 -16.55
N TYR B 79 -16.22 -10.86 -16.21
CA TYR B 79 -15.96 -10.46 -14.84
C TYR B 79 -15.81 -8.95 -14.71
N ALA B 80 -16.14 -8.44 -13.53
CA ALA B 80 -16.02 -7.02 -13.27
C ALA B 80 -15.78 -6.76 -11.80
N CYS B 81 -15.39 -5.53 -11.49
CA CYS B 81 -15.26 -5.12 -10.12
C CYS B 81 -16.21 -3.96 -9.88
N ARG B 82 -17.04 -4.07 -8.84
CA ARG B 82 -17.97 -3.00 -8.48
C ARG B 82 -17.46 -2.29 -7.23
N VAL B 83 -17.36 -0.97 -7.31
CA VAL B 83 -16.79 -0.18 -6.23
C VAL B 83 -17.68 1.02 -5.88
N ASN B 84 -17.97 1.19 -4.59
CA ASN B 84 -18.72 2.35 -4.12
C ASN B 84 -18.00 3.12 -3.00
N HIS B 85 -18.05 4.45 -3.08
CA HIS B 85 -17.27 5.33 -2.22
C HIS B 85 -17.94 6.70 -2.19
N VAL B 86 -17.85 7.41 -1.07
CA VAL B 86 -18.48 8.73 -0.96
C VAL B 86 -18.10 9.68 -2.10
N THR B 87 -16.96 9.44 -2.74
CA THR B 87 -16.52 10.32 -3.83
C THR B 87 -17.23 10.00 -5.15
N LEU B 88 -18.09 8.98 -5.14
CA LEU B 88 -18.74 8.52 -6.36
C LEU B 88 -20.24 8.86 -6.40
N SER B 89 -20.67 9.49 -7.50
CA SER B 89 -22.09 9.80 -7.72
C SER B 89 -22.88 8.51 -7.75
N GLN B 90 -22.38 7.55 -8.52
CA GLN B 90 -22.91 6.18 -8.58
C GLN B 90 -21.76 5.20 -8.46
N PRO B 91 -22.05 3.96 -8.04
CA PRO B 91 -21.04 2.90 -8.01
C PRO B 91 -20.31 2.78 -9.36
N LYS B 92 -19.01 2.49 -9.31
CA LYS B 92 -18.22 2.34 -10.52
C LYS B 92 -18.01 0.86 -10.80
N ILE B 93 -18.28 0.44 -12.03
CA ILE B 93 -18.07 -0.94 -12.43
C ILE B 93 -16.99 -0.99 -13.50
N VAL B 94 -15.91 -1.71 -13.22
CA VAL B 94 -14.80 -1.80 -14.16
C VAL B 94 -14.64 -3.24 -14.64
N LYS B 95 -14.78 -3.43 -15.95
CA LYS B 95 -14.75 -4.76 -16.52
C LYS B 95 -13.33 -5.30 -16.60
N TRP B 96 -13.18 -6.60 -16.40
CA TRP B 96 -11.91 -7.26 -16.62
C TRP B 96 -11.65 -7.36 -18.13
N ASP B 97 -10.47 -6.91 -18.54
CA ASP B 97 -10.04 -7.06 -19.92
C ASP B 97 -8.69 -7.76 -19.91
N ARG B 98 -8.70 -9.03 -20.31
CA ARG B 98 -7.49 -9.85 -20.27
C ARG B 98 -6.48 -9.36 -21.30
N ASP B 99 -6.96 -8.88 -22.43
CA ASP B 99 -6.10 -8.47 -23.53
C ASP B 99 -5.54 -7.04 -23.39
N MET B 100 -5.69 -6.44 -22.21
CA MET B 100 -5.14 -5.12 -21.96
C MET B 100 -3.63 -5.06 -22.25
N LEU C 1 9.28 -5.90 15.16
CA LEU C 1 8.89 -5.52 16.53
C LEU C 1 8.46 -4.06 16.60
N ALA C 2 7.28 -3.81 17.16
CA ALA C 2 6.74 -2.46 17.23
C ALA C 2 7.34 -1.61 18.35
N CYS C 3 6.90 -0.36 18.40
CA CYS C 3 7.37 0.63 19.35
C CYS C 3 6.47 0.63 20.58
N PHE C 4 7.01 0.94 21.76
CA PHE C 4 6.18 1.06 22.95
C PHE C 4 6.07 2.51 23.42
N VAL C 5 6.52 3.43 22.56
CA VAL C 5 6.31 4.85 22.80
C VAL C 5 4.93 5.25 22.31
N LEU C 6 4.02 5.50 23.23
CA LEU C 6 2.67 5.89 22.88
C LEU C 6 2.30 7.17 23.61
N ALA C 7 2.66 8.31 23.04
CA ALA C 7 2.25 9.59 23.60
C ALA C 7 0.95 10.05 22.95
N ALA C 8 0.00 10.47 23.77
CA ALA C 8 -1.29 10.96 23.27
C ALA C 8 -1.13 12.34 22.66
N VAL C 9 -2.00 12.68 21.71
CA VAL C 9 -1.96 14.01 21.11
C VAL C 9 -2.56 15.04 22.07
#